data_9IYX
#
_entry.id   9IYX
#
loop_
_entity.id
_entity.type
_entity.pdbx_description
1 polymer 'Large envelope protein'
2 non-polymer 'ZINC ION'
#
_entity_poly.entity_id   1
_entity_poly.type   'polypeptide(L)'
_entity_poly.pdbx_seq_one_letter_code
;MENITSGFLGPLLVLQAGFFLLTRILTIPQSLDSWWTSLNFLGGTTVCLGQNSQSPTSNHSPTSCPPTCPGYRWMCLRRF
IIFLFILLLCLIFLLVLLDYQGMLPVCPLIPGSSTTSTGPCRTCMTTAQGTSMYPSCCCTKPSDGNCTCIPIPSSWAFGK
FLWEWASARFSWLSLLVPFVQWFVGLSPTVWLSVIWMMWYWGPSLYSILSPFLPLLPIFFCLWVYI
;
_entity_poly.pdbx_strand_id   A,B
#
loop_
_chem_comp.id
_chem_comp.type
_chem_comp.name
_chem_comp.formula
ZN non-polymer 'ZINC ION' 'Zn 2'
#
# COMPACT_ATOMS: atom_id res chain seq x y z
N ASN A 3 10.80 34.98 32.04
CA ASN A 3 10.89 35.75 30.80
C ASN A 3 11.99 35.19 29.90
N ILE A 4 13.24 35.55 30.21
CA ILE A 4 14.36 35.08 29.39
C ILE A 4 14.48 33.56 29.46
N THR A 5 14.35 32.99 30.67
CA THR A 5 14.42 31.55 30.82
C THR A 5 13.31 30.87 30.04
N SER A 6 12.04 31.18 30.38
CA SER A 6 10.92 30.60 29.65
C SER A 6 10.92 31.05 28.20
N GLY A 7 11.33 32.29 27.93
CA GLY A 7 11.37 32.76 26.56
C GLY A 7 12.26 31.91 25.68
N PHE A 8 13.41 31.49 26.22
CA PHE A 8 14.29 30.61 25.47
C PHE A 8 13.77 29.19 25.46
N LEU A 9 13.20 28.73 26.58
CA LEU A 9 12.76 27.33 26.68
C LEU A 9 11.62 27.04 25.73
N GLY A 10 10.72 27.99 25.52
CA GLY A 10 9.57 27.77 24.69
C GLY A 10 9.93 27.28 23.30
N PRO A 11 10.58 28.14 22.51
CA PRO A 11 11.05 27.68 21.20
C PRO A 11 11.96 26.47 21.29
N LEU A 12 12.87 26.43 22.27
CA LEU A 12 13.74 25.27 22.41
C LEU A 12 12.95 24.04 22.84
N LEU A 13 11.89 24.24 23.62
CA LEU A 13 11.00 23.12 23.92
C LEU A 13 10.37 22.57 22.65
N VAL A 14 9.95 23.46 21.75
CA VAL A 14 9.42 23.02 20.47
C VAL A 14 10.49 22.27 19.68
N LEU A 15 11.73 22.77 19.69
CA LEU A 15 12.81 22.09 18.99
C LEU A 15 12.99 20.67 19.51
N GLN A 16 13.05 20.53 20.84
CA GLN A 16 13.25 19.20 21.42
C GLN A 16 12.07 18.28 21.12
N ALA A 17 10.85 18.79 21.23
CA ALA A 17 9.68 17.95 20.96
C ALA A 17 9.67 17.52 19.50
N GLY A 18 10.02 18.43 18.59
CA GLY A 18 10.10 18.06 17.18
C GLY A 18 11.15 17.00 16.93
N PHE A 19 12.32 17.15 17.54
CA PHE A 19 13.36 16.12 17.38
C PHE A 19 12.85 14.78 17.86
N PHE A 20 12.24 14.75 19.04
CA PHE A 20 11.76 13.48 19.60
C PHE A 20 10.69 12.86 18.72
N LEU A 21 9.71 13.65 18.28
CA LEU A 21 8.64 13.12 17.45
C LEU A 21 9.17 12.64 16.10
N LEU A 22 10.09 13.39 15.49
CA LEU A 22 10.63 12.97 14.20
C LEU A 22 11.47 11.71 14.33
N THR A 23 12.24 11.57 15.41
CA THR A 23 13.06 10.37 15.55
C THR A 23 12.20 9.17 15.93
N ARG A 24 11.05 9.40 16.58
CA ARG A 24 10.16 8.29 16.88
C ARG A 24 9.33 7.89 15.67
N ILE A 25 8.96 8.86 14.82
CA ILE A 25 8.03 8.60 13.72
C ILE A 25 8.74 8.30 12.41
N LEU A 26 10.02 8.62 12.29
CA LEU A 26 10.78 8.32 11.08
C LEU A 26 11.31 6.90 11.06
N THR A 27 11.31 6.21 12.20
CA THR A 27 11.76 4.82 12.25
C THR A 27 10.64 3.84 11.93
N ILE A 28 9.40 4.30 11.80
CA ILE A 28 8.28 3.41 11.54
C ILE A 28 8.53 2.60 10.27
N PRO A 29 9.17 3.12 9.23
CA PRO A 29 9.55 2.22 8.12
C PRO A 29 10.37 1.05 8.59
N GLN A 30 11.34 1.28 9.49
CA GLN A 30 12.16 0.19 9.99
C GLN A 30 11.34 -0.81 10.79
N SER A 31 10.46 -0.31 11.65
CA SER A 31 9.64 -1.22 12.46
C SER A 31 8.75 -2.09 11.57
N LEU A 32 8.14 -1.48 10.54
CA LEU A 32 7.25 -2.26 9.67
C LEU A 32 8.04 -3.22 8.79
N ASP A 33 9.23 -2.81 8.33
CA ASP A 33 10.08 -3.71 7.56
C ASP A 33 10.47 -4.92 8.40
N SER A 34 10.87 -4.68 9.65
CA SER A 34 11.22 -5.78 10.54
C SER A 34 10.01 -6.65 10.82
N TRP A 35 8.83 -6.05 10.97
CA TRP A 35 7.63 -6.83 11.24
C TRP A 35 7.31 -7.76 10.07
N TRP A 36 7.38 -7.24 8.85
CA TRP A 36 7.11 -8.10 7.69
C TRP A 36 8.17 -9.19 7.57
N THR A 37 9.44 -8.84 7.75
CA THR A 37 10.48 -9.87 7.70
C THR A 37 10.27 -10.92 8.77
N SER A 38 9.67 -10.53 9.90
CA SER A 38 9.31 -11.52 10.91
C SER A 38 8.18 -12.41 10.41
N LEU A 39 7.18 -11.81 9.76
CA LEU A 39 6.12 -12.63 9.16
C LEU A 39 6.69 -13.65 8.21
N ASN A 40 7.80 -13.34 7.56
CA ASN A 40 8.45 -14.29 6.69
C ASN A 40 8.98 -15.52 7.38
N PHE A 41 9.44 -15.44 8.62
CA PHE A 41 9.97 -16.65 9.23
C PHE A 41 9.39 -16.93 10.59
N LEU A 42 8.12 -17.23 10.63
CA LEU A 42 7.44 -17.59 11.87
C LEU A 42 7.65 -16.58 13.02
N GLY A 43 7.80 -15.30 12.73
CA GLY A 43 8.04 -14.36 13.82
C GLY A 43 9.50 -14.20 14.25
N GLY A 44 10.45 -14.32 13.32
CA GLY A 44 11.87 -14.19 13.65
C GLY A 44 12.71 -13.33 12.71
N THR A 45 13.83 -12.79 13.20
CA THR A 45 14.75 -11.97 12.38
C THR A 45 15.68 -12.60 11.30
N THR A 46 16.36 -13.71 11.62
CA THR A 46 17.30 -14.42 10.69
C THR A 46 18.59 -13.55 10.35
N VAL A 47 19.38 -13.81 9.30
CA VAL A 47 20.58 -13.01 9.11
C VAL A 47 20.62 -12.53 7.68
N CYS A 48 21.41 -11.48 7.42
CA CYS A 48 21.58 -10.99 6.07
C CYS A 48 22.72 -11.72 5.38
N LEU A 49 22.93 -11.36 4.11
CA LEU A 49 24.01 -11.94 3.31
C LEU A 49 25.22 -11.01 3.36
N GLY A 50 25.76 -10.86 4.56
CA GLY A 50 26.91 -10.01 4.79
C GLY A 50 26.98 -9.52 6.21
N THR A 57 31.25 -9.41 11.35
CA THR A 57 29.94 -9.17 10.75
C THR A 57 28.89 -8.95 11.81
N SER A 58 28.90 -9.80 12.85
CA SER A 58 27.98 -9.75 13.97
C SER A 58 26.58 -10.24 13.61
N ASN A 59 26.37 -10.73 12.38
CA ASN A 59 25.09 -11.29 11.95
C ASN A 59 23.95 -10.32 12.21
N HIS A 60 24.08 -9.11 11.66
CA HIS A 60 23.04 -8.11 11.79
C HIS A 60 21.78 -8.54 11.06
N SER A 61 20.63 -8.14 11.61
CA SER A 61 19.37 -8.46 10.98
C SER A 61 19.25 -7.73 9.63
N PRO A 62 18.56 -8.33 8.66
CA PRO A 62 18.56 -7.75 7.31
C PRO A 62 17.80 -6.44 7.20
N THR A 63 17.06 -6.03 8.23
CA THR A 63 16.37 -4.75 8.23
C THR A 63 17.15 -3.66 8.95
N SER A 64 18.36 -3.93 9.39
CA SER A 64 19.19 -2.95 10.08
C SER A 64 20.63 -3.04 9.58
N CYS A 65 20.78 -3.15 8.26
CA CYS A 65 22.11 -3.31 7.68
C CYS A 65 22.96 -2.08 7.98
N PRO A 66 24.21 -2.25 8.42
CA PRO A 66 25.15 -1.13 8.48
C PRO A 66 25.51 -0.66 7.07
N PRO A 67 26.01 0.59 6.97
CA PRO A 67 26.35 1.09 5.62
C PRO A 67 27.43 0.25 4.93
N THR A 68 28.30 -0.39 5.70
CA THR A 68 29.34 -1.22 5.10
C THR A 68 28.73 -2.43 4.39
N CYS A 69 27.66 -2.98 4.95
CA CYS A 69 27.07 -4.19 4.39
C CYS A 69 26.48 -3.89 3.01
N PRO A 70 26.58 -4.83 2.06
CA PRO A 70 26.00 -4.59 0.73
C PRO A 70 24.49 -4.48 0.75
N GLY A 71 23.82 -4.99 1.79
CA GLY A 71 22.37 -4.92 1.84
C GLY A 71 21.82 -3.55 2.13
N TYR A 72 22.68 -2.62 2.60
CA TYR A 72 22.20 -1.29 2.95
C TYR A 72 21.54 -0.61 1.76
N ARG A 73 22.06 -0.82 0.55
CA ARG A 73 21.36 -0.35 -0.63
C ARG A 73 20.02 -1.05 -0.67
N TRP A 74 20.04 -2.37 -0.78
CA TRP A 74 18.82 -3.16 -0.86
C TRP A 74 17.83 -2.74 0.20
N MET A 75 18.24 -2.81 1.47
CA MET A 75 17.33 -2.45 2.55
C MET A 75 16.71 -1.09 2.30
N CYS A 76 17.55 -0.09 2.01
CA CYS A 76 17.01 1.24 1.80
C CYS A 76 15.86 1.20 0.81
N LEU A 77 16.07 0.54 -0.33
CA LEU A 77 15.02 0.42 -1.32
C LEU A 77 13.70 0.05 -0.65
N ARG A 78 13.66 -1.12 -0.03
CA ARG A 78 12.39 -1.58 0.52
C ARG A 78 11.93 -0.65 1.64
N ARG A 79 12.87 -0.18 2.46
CA ARG A 79 12.50 0.83 3.46
C ARG A 79 11.81 1.99 2.78
N PHE A 80 12.44 2.56 1.76
CA PHE A 80 11.81 3.63 1.00
C PHE A 80 10.44 3.20 0.51
N ILE A 81 10.35 2.01 -0.07
CA ILE A 81 9.05 1.53 -0.57
C ILE A 81 8.05 1.55 0.57
N ILE A 82 8.43 0.98 1.73
CA ILE A 82 7.53 0.98 2.87
C ILE A 82 7.14 2.40 3.20
N PHE A 83 8.13 3.30 3.24
CA PHE A 83 7.84 4.70 3.52
C PHE A 83 6.75 5.21 2.60
N LEU A 84 6.89 4.97 1.29
CA LEU A 84 5.86 5.41 0.35
C LEU A 84 4.49 4.91 0.78
N PHE A 85 4.38 3.60 1.02
CA PHE A 85 3.09 3.04 1.39
C PHE A 85 2.49 3.80 2.54
N ILE A 86 3.32 4.16 3.53
CA ILE A 86 2.80 4.86 4.70
C ILE A 86 2.09 6.13 4.26
N LEU A 87 2.75 6.94 3.45
CA LEU A 87 2.10 8.14 2.93
C LEU A 87 0.78 7.77 2.28
N LEU A 88 0.80 6.78 1.39
CA LEU A 88 -0.44 6.35 0.75
C LEU A 88 -1.46 6.01 1.82
N LEU A 89 -1.09 5.16 2.78
CA LEU A 89 -2.00 4.86 3.88
C LEU A 89 -2.48 6.14 4.52
N CYS A 90 -1.53 7.01 4.91
CA CYS A 90 -1.91 8.28 5.51
C CYS A 90 -2.89 9.02 4.60
N LEU A 91 -2.56 9.11 3.31
CA LEU A 91 -3.46 9.77 2.39
C LEU A 91 -4.84 9.14 2.45
N ILE A 92 -4.90 7.82 2.34
CA ILE A 92 -6.19 7.14 2.49
C ILE A 92 -6.86 7.61 3.76
N PHE A 93 -6.14 7.49 4.88
CA PHE A 93 -6.69 7.95 6.16
C PHE A 93 -7.20 9.38 6.02
N LEU A 94 -6.36 10.27 5.49
CA LEU A 94 -6.77 11.66 5.35
C LEU A 94 -8.05 11.75 4.54
N LEU A 95 -8.09 11.09 3.39
CA LEU A 95 -9.32 11.06 2.62
C LEU A 95 -10.44 10.44 3.44
N VAL A 96 -10.16 9.29 4.05
CA VAL A 96 -11.17 8.61 4.86
C VAL A 96 -11.65 9.50 5.99
N LEU A 97 -10.89 10.53 6.34
CA LEU A 97 -11.37 11.49 7.33
C LEU A 97 -12.17 12.60 6.67
N LEU A 98 -11.65 13.16 5.58
CA LEU A 98 -12.29 14.32 4.97
C LEU A 98 -13.71 14.01 4.51
N ASP A 99 -13.91 12.84 3.89
CA ASP A 99 -15.24 12.48 3.44
C ASP A 99 -16.24 12.51 4.59
N TYR A 100 -15.80 12.18 5.80
CA TYR A 100 -16.72 12.19 6.93
C TYR A 100 -17.24 13.59 7.19
N GLN A 101 -16.39 14.61 7.04
CA GLN A 101 -16.83 15.98 7.23
C GLN A 101 -17.58 16.52 6.02
N GLY A 102 -17.65 15.77 4.93
CA GLY A 102 -18.26 16.28 3.73
C GLY A 102 -17.43 17.32 3.02
N MET A 103 -16.14 17.40 3.36
CA MET A 103 -15.27 18.41 2.73
C MET A 103 -15.00 18.06 1.28
N LEU A 104 -15.39 16.86 0.83
CA LEU A 104 -15.26 16.47 -0.57
C LEU A 104 -16.61 16.64 -1.27
N PRO A 105 -16.82 17.73 -1.99
CA PRO A 105 -18.10 17.86 -2.72
C PRO A 105 -18.12 17.02 -3.98
N VAL A 106 -18.92 15.96 -4.00
CA VAL A 106 -19.08 15.10 -5.17
C VAL A 106 -20.55 15.11 -5.54
N CYS A 107 -20.86 15.61 -6.73
CA CYS A 107 -22.24 15.64 -7.17
C CYS A 107 -22.75 14.20 -7.37
N PRO A 108 -23.91 13.85 -6.83
CA PRO A 108 -24.42 12.49 -7.04
C PRO A 108 -24.92 12.29 -8.46
N LEU A 109 -24.89 11.03 -8.90
CA LEU A 109 -25.35 10.71 -10.25
C LEU A 109 -26.86 10.93 -10.34
N ILE A 110 -27.30 11.42 -11.50
CA ILE A 110 -28.71 11.70 -11.72
C ILE A 110 -29.42 10.44 -12.20
N ILE A 150 -29.25 19.69 -7.60
CA ILE A 150 -29.31 18.58 -6.67
C ILE A 150 -28.32 18.84 -5.52
N PRO A 151 -28.79 18.81 -4.27
CA PRO A 151 -27.93 19.18 -3.15
C PRO A 151 -26.78 18.18 -2.95
N ILE A 152 -25.66 18.72 -2.50
CA ILE A 152 -24.49 17.87 -2.24
C ILE A 152 -24.77 16.99 -1.03
N PRO A 153 -24.27 15.75 -0.99
CA PRO A 153 -24.47 14.93 0.22
C PRO A 153 -23.86 15.59 1.44
N SER A 154 -24.56 15.44 2.58
CA SER A 154 -24.08 16.05 3.82
C SER A 154 -22.77 15.44 4.28
N SER A 155 -22.64 14.11 4.18
CA SER A 155 -21.44 13.42 4.60
C SER A 155 -21.24 12.19 3.73
N TRP A 156 -20.00 11.72 3.67
CA TRP A 156 -19.64 10.57 2.84
C TRP A 156 -20.10 10.77 1.41
N ALA A 157 -20.00 12.02 0.92
CA ALA A 157 -20.39 12.30 -0.44
C ALA A 157 -19.53 11.52 -1.43
N PHE A 158 -18.22 11.52 -1.21
CA PHE A 158 -17.32 10.80 -2.11
C PHE A 158 -17.60 9.31 -2.09
N GLY A 159 -17.77 8.74 -0.89
CA GLY A 159 -18.10 7.33 -0.80
C GLY A 159 -19.41 7.01 -1.46
N LYS A 160 -20.43 7.86 -1.26
CA LYS A 160 -21.71 7.64 -1.89
C LYS A 160 -21.58 7.64 -3.41
N PHE A 161 -20.88 8.63 -3.97
CA PHE A 161 -20.75 8.69 -5.42
C PHE A 161 -20.02 7.47 -5.94
N LEU A 162 -18.90 7.09 -5.30
CA LEU A 162 -18.15 5.95 -5.77
C LEU A 162 -18.99 4.68 -5.73
N TRP A 163 -19.69 4.43 -4.62
CA TRP A 163 -20.46 3.20 -4.53
C TRP A 163 -21.61 3.20 -5.52
N GLU A 164 -22.31 4.33 -5.66
CA GLU A 164 -23.42 4.37 -6.60
C GLU A 164 -22.93 4.13 -8.03
N TRP A 165 -21.82 4.75 -8.40
CA TRP A 165 -21.28 4.53 -9.74
C TRP A 165 -20.86 3.08 -9.94
N ALA A 166 -20.17 2.51 -8.94
CA ALA A 166 -19.72 1.12 -9.07
C ALA A 166 -20.91 0.17 -9.21
N SER A 167 -21.93 0.37 -8.39
CA SER A 167 -23.13 -0.46 -8.48
C SER A 167 -23.81 -0.30 -9.82
N ALA A 168 -23.84 0.93 -10.35
CA ALA A 168 -24.43 1.15 -11.66
C ALA A 168 -23.66 0.37 -12.72
N ARG A 169 -22.33 0.40 -12.66
CA ARG A 169 -21.53 -0.22 -13.71
C ARG A 169 -21.75 -1.72 -13.77
N PHE A 170 -21.78 -2.39 -12.62
CA PHE A 170 -21.93 -3.83 -12.54
C PHE A 170 -23.28 -4.16 -11.93
N SER A 171 -24.17 -4.75 -12.73
CA SER A 171 -25.48 -5.14 -12.22
C SER A 171 -25.40 -6.42 -11.40
N TRP A 172 -24.59 -7.38 -11.84
CA TRP A 172 -24.49 -8.66 -11.14
C TRP A 172 -23.92 -8.51 -9.75
N LEU A 173 -23.09 -7.48 -9.51
CA LEU A 173 -22.44 -7.33 -8.21
C LEU A 173 -23.47 -7.25 -7.10
N SER A 174 -24.51 -6.42 -7.30
CA SER A 174 -25.52 -6.27 -6.25
C SER A 174 -26.18 -7.60 -5.90
N LEU A 175 -26.16 -8.56 -6.83
CA LEU A 175 -26.75 -9.86 -6.55
C LEU A 175 -26.12 -10.53 -5.35
N LEU A 176 -24.83 -10.26 -5.10
CA LEU A 176 -24.16 -10.85 -3.94
C LEU A 176 -24.37 -10.06 -2.66
N VAL A 177 -24.91 -8.83 -2.76
CA VAL A 177 -25.08 -8.01 -1.57
C VAL A 177 -26.05 -8.64 -0.57
N PRO A 178 -27.24 -9.09 -0.97
CA PRO A 178 -28.19 -9.61 0.02
C PRO A 178 -27.63 -10.76 0.86
N PHE A 179 -27.02 -11.76 0.21
CA PHE A 179 -26.50 -12.91 0.95
C PHE A 179 -25.53 -12.45 2.04
N VAL A 180 -24.67 -11.49 1.72
CA VAL A 180 -23.76 -10.97 2.72
C VAL A 180 -24.52 -10.49 3.94
N GLN A 181 -25.58 -9.70 3.72
CA GLN A 181 -26.42 -9.27 4.82
C GLN A 181 -27.02 -10.47 5.54
N TRP A 182 -27.46 -11.48 4.78
CA TRP A 182 -27.94 -12.70 5.41
C TRP A 182 -26.85 -13.35 6.26
N PHE A 183 -25.60 -13.30 5.78
CA PHE A 183 -24.50 -13.78 6.60
C PHE A 183 -24.43 -13.02 7.91
N VAL A 184 -24.64 -11.70 7.86
CA VAL A 184 -24.79 -10.92 9.09
C VAL A 184 -26.09 -11.30 9.78
N GLY A 185 -27.16 -11.47 9.00
CA GLY A 185 -28.45 -11.81 9.58
C GLY A 185 -28.53 -13.21 10.16
N LEU A 186 -27.69 -14.12 9.68
CA LEU A 186 -27.60 -15.44 10.28
C LEU A 186 -27.01 -15.33 11.69
N SER A 187 -26.99 -16.45 12.39
CA SER A 187 -26.48 -16.47 13.75
C SER A 187 -25.01 -16.02 13.75
N PRO A 188 -24.64 -15.00 14.53
CA PRO A 188 -23.22 -14.63 14.58
C PRO A 188 -22.33 -15.80 15.00
N THR A 189 -22.81 -16.62 15.92
CA THR A 189 -22.05 -17.80 16.32
C THR A 189 -21.86 -18.75 15.15
N VAL A 190 -22.89 -18.89 14.30
CA VAL A 190 -22.78 -19.73 13.12
C VAL A 190 -21.69 -19.20 12.19
N TRP A 191 -21.64 -17.88 12.01
CA TRP A 191 -20.62 -17.28 11.16
C TRP A 191 -19.22 -17.50 11.73
N LEU A 192 -19.07 -17.34 13.06
CA LEU A 192 -17.78 -17.59 13.68
C LEU A 192 -17.36 -19.04 13.51
N SER A 193 -18.31 -19.97 13.68
CA SER A 193 -18.00 -21.39 13.48
C SER A 193 -17.60 -21.66 12.04
N VAL A 194 -18.30 -21.04 11.08
CA VAL A 194 -17.96 -21.24 9.66
C VAL A 194 -16.55 -20.75 9.38
N ILE A 195 -16.20 -19.56 9.90
CA ILE A 195 -14.88 -19.01 9.65
C ILE A 195 -13.80 -19.88 10.30
N TRP A 196 -14.06 -20.34 11.53
CA TRP A 196 -13.09 -21.21 12.19
C TRP A 196 -12.92 -22.52 11.44
N MET A 197 -14.01 -23.10 10.94
CA MET A 197 -13.91 -24.33 10.17
C MET A 197 -13.13 -24.10 8.88
N MET A 198 -13.35 -22.95 8.23
CA MET A 198 -12.56 -22.61 7.05
C MET A 198 -11.08 -22.52 7.40
N TRP A 199 -10.75 -21.92 8.55
CA TRP A 199 -9.36 -21.90 9.00
C TRP A 199 -8.84 -23.31 9.18
N TYR A 200 -9.65 -24.19 9.79
CA TYR A 200 -9.30 -25.59 9.88
C TYR A 200 -9.32 -26.27 8.51
N TRP A 201 -10.15 -25.77 7.59
CA TRP A 201 -10.29 -26.36 6.28
C TRP A 201 -9.46 -25.65 5.22
N GLY A 202 -8.64 -24.68 5.61
CA GLY A 202 -7.77 -24.01 4.66
C GLY A 202 -6.78 -24.98 4.04
N PRO A 203 -5.99 -25.65 4.89
CA PRO A 203 -5.16 -26.75 4.38
C PRO A 203 -5.99 -27.79 3.66
N SER A 204 -7.17 -28.13 4.17
CA SER A 204 -8.07 -29.02 3.45
C SER A 204 -8.70 -28.31 2.26
N LEU A 205 -8.77 -26.97 2.30
CA LEU A 205 -9.27 -26.22 1.17
C LEU A 205 -8.37 -26.41 -0.04
N TYR A 206 -7.06 -26.36 0.17
CA TYR A 206 -6.09 -26.59 -0.90
C TYR A 206 -5.66 -28.04 -0.99
N SER A 207 -6.15 -28.91 -0.12
CA SER A 207 -5.96 -30.35 -0.30
C SER A 207 -6.68 -30.86 -1.54
N ILE A 208 -7.65 -30.10 -2.03
CA ILE A 208 -8.28 -30.35 -3.33
C ILE A 208 -7.80 -29.32 -4.36
N LEU A 209 -6.67 -28.67 -4.09
CA LEU A 209 -6.13 -27.68 -5.02
C LEU A 209 -5.74 -28.34 -6.34
N SER A 210 -5.15 -29.53 -6.30
CA SER A 210 -4.80 -30.22 -7.52
C SER A 210 -6.01 -30.46 -8.42
N PRO A 211 -7.12 -31.00 -7.92
CA PRO A 211 -8.33 -31.08 -8.76
C PRO A 211 -8.85 -29.74 -9.23
N PHE A 212 -8.33 -28.62 -8.70
CA PHE A 212 -8.87 -27.31 -9.04
C PHE A 212 -8.72 -27.01 -10.53
N LEU A 213 -7.56 -27.31 -11.11
CA LEU A 213 -7.33 -26.97 -12.51
C LEU A 213 -8.40 -27.55 -13.43
N PRO A 214 -8.77 -28.83 -13.32
CA PRO A 214 -9.87 -29.35 -14.14
C PRO A 214 -11.20 -28.64 -13.92
N LEU A 215 -11.34 -27.84 -12.85
CA LEU A 215 -12.64 -27.26 -12.53
C LEU A 215 -13.22 -26.49 -13.72
N LEU A 216 -12.42 -25.65 -14.35
CA LEU A 216 -12.89 -24.93 -15.53
C LEU A 216 -13.32 -25.88 -16.64
N PRO A 217 -12.57 -26.94 -16.96
CA PRO A 217 -12.98 -27.82 -18.05
C PRO A 217 -14.31 -28.51 -17.80
N ILE A 218 -14.43 -29.22 -16.67
CA ILE A 218 -15.66 -29.94 -16.39
C ILE A 218 -16.83 -28.98 -16.31
N PHE A 219 -16.65 -27.86 -15.59
CA PHE A 219 -17.69 -26.83 -15.59
C PHE A 219 -17.93 -26.33 -17.01
N PHE A 220 -16.85 -26.10 -17.77
CA PHE A 220 -17.00 -25.79 -19.19
C PHE A 220 -17.82 -26.87 -19.88
N CYS A 221 -17.50 -28.13 -19.61
CA CYS A 221 -18.32 -29.22 -20.15
C CYS A 221 -19.78 -29.04 -19.79
N LEU A 222 -20.06 -28.73 -18.52
CA LEU A 222 -21.42 -28.41 -18.13
C LEU A 222 -21.99 -27.31 -19.02
N TRP A 223 -21.23 -26.22 -19.20
CA TRP A 223 -21.69 -25.12 -20.04
C TRP A 223 -22.00 -25.62 -21.45
N VAL A 224 -21.23 -26.58 -21.95
CA VAL A 224 -21.53 -27.15 -23.25
C VAL A 224 -22.82 -27.96 -23.18
N TYR A 225 -22.95 -28.80 -22.16
CA TYR A 225 -24.16 -29.61 -22.03
C TYR A 225 -25.34 -28.77 -21.56
N ILE A 226 -25.07 -27.67 -20.87
CA ILE A 226 -26.13 -26.81 -20.34
C ILE A 226 -27.07 -26.38 -21.46
N LEU B 9 -18.73 -23.89 -28.98
CA LEU B 9 -17.28 -23.91 -29.14
C LEU B 9 -16.67 -22.64 -28.56
N GLY B 10 -17.26 -21.50 -28.89
CA GLY B 10 -16.80 -20.22 -28.41
C GLY B 10 -16.87 -20.09 -26.90
N PRO B 11 -18.03 -20.38 -26.30
CA PRO B 11 -18.14 -20.22 -24.84
C PRO B 11 -17.17 -21.06 -24.05
N LEU B 12 -16.85 -22.27 -24.51
CA LEU B 12 -15.85 -23.07 -23.82
C LEU B 12 -14.51 -22.35 -23.79
N LEU B 13 -14.10 -21.80 -24.92
CA LEU B 13 -12.83 -21.07 -24.99
C LEU B 13 -12.87 -19.82 -24.11
N VAL B 14 -14.00 -19.11 -24.11
CA VAL B 14 -14.14 -17.92 -23.28
C VAL B 14 -13.98 -18.29 -21.80
N LEU B 15 -14.65 -19.36 -21.38
CA LEU B 15 -14.58 -19.75 -19.97
C LEU B 15 -13.18 -20.23 -19.61
N GLN B 16 -12.52 -20.96 -20.50
CA GLN B 16 -11.14 -21.37 -20.24
C GLN B 16 -10.25 -20.16 -20.06
N ALA B 17 -10.38 -19.17 -20.95
CA ALA B 17 -9.57 -17.96 -20.84
C ALA B 17 -9.85 -17.23 -19.54
N GLY B 18 -11.12 -17.11 -19.17
CA GLY B 18 -11.45 -16.44 -17.92
C GLY B 18 -10.86 -17.14 -16.72
N PHE B 19 -10.95 -18.48 -16.68
CA PHE B 19 -10.38 -19.23 -15.57
C PHE B 19 -8.86 -19.07 -15.52
N PHE B 20 -8.19 -19.11 -16.68
CA PHE B 20 -6.75 -18.98 -16.69
C PHE B 20 -6.31 -17.60 -16.23
N LEU B 21 -7.01 -16.56 -16.67
CA LEU B 21 -6.69 -15.21 -16.21
C LEU B 21 -6.94 -15.07 -14.72
N LEU B 22 -8.02 -15.68 -14.22
CA LEU B 22 -8.29 -15.65 -12.79
C LEU B 22 -7.17 -16.35 -12.02
N THR B 23 -6.66 -17.45 -12.55
CA THR B 23 -5.53 -18.12 -11.93
C THR B 23 -4.29 -17.22 -11.91
N ARG B 24 -4.01 -16.53 -13.03
CA ARG B 24 -2.90 -15.59 -13.03
C ARG B 24 -3.05 -14.55 -11.94
N ILE B 25 -4.24 -13.94 -11.83
CA ILE B 25 -4.45 -12.92 -10.83
C ILE B 25 -4.29 -13.49 -9.43
N LEU B 26 -4.83 -14.69 -9.19
CA LEU B 26 -4.75 -15.30 -7.87
C LEU B 26 -3.33 -15.67 -7.50
N THR B 27 -2.48 -15.98 -8.47
CA THR B 27 -1.09 -16.30 -8.18
C THR B 27 -0.19 -15.08 -8.21
N ILE B 28 -0.70 -13.91 -8.57
CA ILE B 28 0.10 -12.69 -8.46
C ILE B 28 0.67 -12.55 -7.05
N PRO B 29 -0.12 -12.73 -5.99
CA PRO B 29 0.46 -12.59 -4.63
C PRO B 29 1.67 -13.47 -4.38
N GLN B 30 1.66 -14.72 -4.85
CA GLN B 30 2.86 -15.53 -4.84
C GLN B 30 4.05 -14.75 -5.37
N SER B 31 3.97 -14.29 -6.61
CA SER B 31 5.11 -13.62 -7.23
C SER B 31 5.50 -12.36 -6.47
N LEU B 32 4.50 -11.61 -5.99
CA LEU B 32 4.80 -10.32 -5.37
C LEU B 32 5.48 -10.49 -4.02
N ASP B 33 4.98 -11.39 -3.17
CA ASP B 33 5.65 -11.58 -1.90
C ASP B 33 6.98 -12.29 -2.09
N SER B 34 7.11 -13.12 -3.12
CA SER B 34 8.42 -13.69 -3.42
C SER B 34 9.40 -12.60 -3.80
N TRP B 35 8.95 -11.64 -4.61
CA TRP B 35 9.83 -10.53 -4.97
C TRP B 35 10.24 -9.74 -3.75
N TRP B 36 9.28 -9.42 -2.87
CA TRP B 36 9.64 -8.61 -1.70
C TRP B 36 10.58 -9.37 -0.79
N THR B 37 10.34 -10.67 -0.60
CA THR B 37 11.26 -11.47 0.21
C THR B 37 12.63 -11.54 -0.43
N SER B 38 12.68 -11.49 -1.77
CA SER B 38 13.97 -11.37 -2.44
C SER B 38 14.64 -10.05 -2.10
N LEU B 39 13.86 -8.97 -2.03
CA LEU B 39 14.43 -7.68 -1.64
C LEU B 39 15.10 -7.76 -0.27
N ASN B 40 14.56 -8.55 0.64
CA ASN B 40 15.15 -8.71 1.96
C ASN B 40 16.63 -9.12 1.88
N PHE B 41 16.92 -9.92 0.86
CA PHE B 41 18.27 -10.42 0.60
C PHE B 41 18.80 -9.75 -0.65
N LEU B 42 20.02 -10.11 -1.04
CA LEU B 42 20.65 -9.45 -2.16
C LEU B 42 20.06 -9.95 -3.47
N GLY B 43 18.76 -9.79 -3.63
CA GLY B 43 18.08 -10.24 -4.83
C GLY B 43 17.85 -11.73 -4.92
N GLY B 44 18.09 -12.47 -3.84
CA GLY B 44 17.96 -13.91 -3.87
C GLY B 44 17.16 -14.48 -2.71
N THR B 45 16.38 -15.51 -2.97
CA THR B 45 15.47 -16.04 -1.96
C THR B 45 16.24 -16.80 -0.87
N THR B 46 15.49 -17.35 0.07
CA THR B 46 16.02 -18.05 1.22
C THR B 46 15.27 -19.37 1.41
N VAL B 47 15.49 -19.99 2.57
CA VAL B 47 14.86 -21.25 2.93
C VAL B 47 14.10 -21.06 4.23
N CYS B 48 12.84 -21.49 4.26
CA CYS B 48 12.00 -21.36 5.44
C CYS B 48 12.60 -22.20 6.55
N LEU B 49 12.62 -21.66 7.77
CA LEU B 49 13.33 -22.27 8.88
C LEU B 49 12.97 -23.74 9.04
N GLY B 50 11.68 -24.05 9.06
CA GLY B 50 11.25 -25.43 9.23
C GLY B 50 9.79 -25.55 9.66
N SER B 58 14.11 -31.33 3.16
CA SER B 58 13.23 -30.40 2.45
C SER B 58 13.45 -28.98 2.95
N ASN B 59 14.11 -28.14 2.14
CA ASN B 59 14.35 -26.74 2.45
C ASN B 59 13.57 -25.90 1.41
N HIS B 60 12.36 -25.46 1.77
CA HIS B 60 11.50 -24.69 0.90
C HIS B 60 11.60 -23.21 1.23
N SER B 61 11.51 -22.38 0.19
CA SER B 61 11.48 -20.96 0.39
C SER B 61 10.23 -20.57 1.18
N PRO B 62 10.33 -19.58 2.08
CA PRO B 62 9.16 -19.19 2.86
C PRO B 62 8.08 -18.52 2.04
N THR B 63 8.36 -18.20 0.77
CA THR B 63 7.36 -17.63 -0.10
C THR B 63 6.44 -18.71 -0.67
N SER B 64 6.88 -19.96 -0.64
CA SER B 64 6.04 -21.08 -1.10
C SER B 64 6.39 -22.28 -0.24
N CYS B 65 5.64 -22.48 0.84
CA CYS B 65 5.82 -23.63 1.70
C CYS B 65 4.83 -24.72 1.35
N PRO B 66 5.17 -25.99 1.64
CA PRO B 66 4.18 -27.05 1.50
C PRO B 66 3.14 -26.94 2.59
N PRO B 67 1.94 -27.48 2.37
CA PRO B 67 0.86 -27.30 3.37
C PRO B 67 1.23 -27.79 4.75
N THR B 68 2.05 -28.83 4.86
CA THR B 68 2.42 -29.34 6.18
C THR B 68 3.34 -28.38 6.92
N CYS B 69 4.16 -27.63 6.19
CA CYS B 69 5.12 -26.73 6.81
C CYS B 69 4.38 -25.72 7.70
N PRO B 70 4.81 -25.53 8.95
CA PRO B 70 4.10 -24.55 9.79
C PRO B 70 4.08 -23.16 9.18
N GLY B 71 5.22 -22.71 8.64
CA GLY B 71 5.27 -21.42 8.01
C GLY B 71 4.20 -21.22 6.97
N TYR B 72 3.68 -22.32 6.40
CA TYR B 72 2.61 -22.19 5.41
C TYR B 72 1.49 -21.32 5.94
N ARG B 73 1.06 -21.54 7.18
CA ARG B 73 0.00 -20.70 7.73
C ARG B 73 0.38 -19.23 7.60
N TRP B 74 1.56 -18.87 8.12
CA TRP B 74 2.03 -17.50 7.98
C TRP B 74 1.99 -17.07 6.53
N MET B 75 2.51 -17.91 5.64
CA MET B 75 2.52 -17.59 4.21
C MET B 75 1.14 -17.15 3.76
N CYS B 76 0.11 -17.93 4.11
CA CYS B 76 -1.24 -17.56 3.69
C CYS B 76 -1.57 -16.15 4.15
N LEU B 77 -1.39 -15.87 5.44
CA LEU B 77 -1.62 -14.53 5.95
C LEU B 77 -0.85 -13.53 5.10
N ARG B 78 0.44 -13.80 4.89
CA ARG B 78 1.24 -12.91 4.07
C ARG B 78 0.62 -12.74 2.69
N ARG B 79 0.30 -13.85 2.02
CA ARG B 79 -0.35 -13.77 0.72
C ARG B 79 -1.56 -12.85 0.78
N PHE B 80 -2.33 -12.95 1.86
CA PHE B 80 -3.54 -12.15 1.98
C PHE B 80 -3.20 -10.66 1.97
N ILE B 81 -2.27 -10.25 2.83
CA ILE B 81 -2.01 -8.82 2.99
C ILE B 81 -1.54 -8.24 1.67
N ILE B 82 -0.55 -8.87 1.04
CA ILE B 82 -0.14 -8.47 -0.30
C ILE B 82 -1.37 -8.29 -1.18
N PHE B 83 -2.19 -9.32 -1.27
CA PHE B 83 -3.37 -9.26 -2.13
C PHE B 83 -4.19 -8.03 -1.81
N LEU B 84 -4.43 -7.79 -0.52
CA LEU B 84 -5.20 -6.61 -0.14
C LEU B 84 -4.58 -5.35 -0.74
N PHE B 85 -3.29 -5.15 -0.52
CA PHE B 85 -2.62 -3.98 -1.08
C PHE B 85 -2.86 -3.92 -2.58
N ILE B 86 -2.73 -5.06 -3.25
CA ILE B 86 -2.93 -5.06 -4.71
C ILE B 86 -4.29 -4.48 -5.04
N LEU B 87 -5.34 -5.00 -4.41
CA LEU B 87 -6.67 -4.45 -4.66
C LEU B 87 -6.66 -2.95 -4.44
N LEU B 88 -6.12 -2.52 -3.30
CA LEU B 88 -6.04 -1.09 -3.03
C LEU B 88 -5.38 -0.37 -4.19
N LEU B 89 -4.20 -0.84 -4.59
CA LEU B 89 -3.53 -0.24 -5.74
C LEU B 89 -4.48 -0.20 -6.93
N CYS B 90 -5.06 -1.36 -7.27
CA CYS B 90 -6.00 -1.39 -8.38
C CYS B 90 -7.05 -0.31 -8.20
N LEU B 91 -7.67 -0.26 -7.01
CA LEU B 91 -8.68 0.76 -6.75
C LEU B 91 -8.10 2.14 -7.02
N ILE B 92 -6.96 2.44 -6.42
CA ILE B 92 -6.34 3.75 -6.65
C ILE B 92 -6.11 3.96 -8.14
N PHE B 93 -5.58 2.93 -8.81
CA PHE B 93 -5.38 3.05 -10.25
C PHE B 93 -6.69 3.37 -10.94
N LEU B 94 -7.74 2.60 -10.62
CA LEU B 94 -9.05 2.91 -11.16
C LEU B 94 -9.44 4.34 -10.82
N LEU B 95 -9.25 4.71 -9.54
CA LEU B 95 -9.62 6.06 -9.12
C LEU B 95 -8.85 7.11 -9.88
N VAL B 96 -7.67 6.79 -10.37
CA VAL B 96 -6.93 7.74 -11.21
C VAL B 96 -7.64 7.93 -12.54
N LEU B 97 -7.99 6.83 -13.21
CA LEU B 97 -8.52 6.93 -14.57
C LEU B 97 -9.79 7.76 -14.59
N LEU B 98 -10.73 7.48 -13.69
CA LEU B 98 -11.93 8.30 -13.60
C LEU B 98 -11.55 9.76 -13.45
N ASP B 99 -10.63 10.04 -12.52
CA ASP B 99 -10.21 11.43 -12.31
C ASP B 99 -9.58 11.99 -13.58
N TYR B 100 -8.82 11.16 -14.30
CA TYR B 100 -8.31 11.59 -15.59
C TYR B 100 -9.44 11.97 -16.52
N GLN B 101 -10.47 11.14 -16.59
CA GLN B 101 -11.56 11.37 -17.53
C GLN B 101 -12.55 12.41 -17.05
N GLY B 102 -12.40 12.90 -15.82
CA GLY B 102 -13.32 13.88 -15.30
C GLY B 102 -14.67 13.33 -14.90
N MET B 103 -14.74 12.05 -14.55
CA MET B 103 -15.98 11.43 -14.13
C MET B 103 -16.25 11.61 -12.64
N LEU B 104 -15.37 12.33 -11.93
CA LEU B 104 -15.59 12.65 -10.53
C LEU B 104 -16.01 14.11 -10.46
N PRO B 105 -17.29 14.43 -10.61
CA PRO B 105 -17.68 15.84 -10.69
C PRO B 105 -17.55 16.54 -9.33
N VAL B 106 -16.30 16.75 -8.94
CA VAL B 106 -15.97 17.38 -7.66
C VAL B 106 -16.05 18.89 -7.86
N CYS B 107 -16.85 19.55 -7.04
CA CYS B 107 -17.01 20.99 -7.16
C CYS B 107 -15.77 21.70 -6.63
N PRO B 108 -15.08 22.51 -7.43
CA PRO B 108 -13.92 23.22 -6.93
C PRO B 108 -14.28 24.22 -5.84
N LEU B 109 -13.31 24.50 -4.98
CA LEU B 109 -13.51 25.46 -3.91
C LEU B 109 -13.80 26.84 -4.50
N ILE B 110 -14.84 27.49 -3.96
CA ILE B 110 -15.23 28.81 -4.43
C ILE B 110 -14.25 29.86 -3.95
N ILE B 150 -20.19 26.43 -9.71
CA ILE B 150 -19.11 26.89 -10.55
C ILE B 150 -18.81 25.84 -11.62
N PRO B 151 -18.51 26.27 -12.85
CA PRO B 151 -18.26 25.30 -13.93
C PRO B 151 -17.26 24.23 -13.51
N ILE B 152 -17.46 23.04 -14.05
CA ILE B 152 -16.77 21.84 -13.57
C ILE B 152 -15.37 21.79 -14.16
N PRO B 153 -14.38 21.22 -13.47
CA PRO B 153 -13.12 20.87 -14.13
C PRO B 153 -13.33 19.69 -15.07
N SER B 154 -13.16 19.92 -16.36
CA SER B 154 -13.45 18.88 -17.34
C SER B 154 -12.64 17.62 -17.05
N SER B 155 -11.41 17.78 -16.57
CA SER B 155 -10.55 16.65 -16.27
C SER B 155 -9.80 16.89 -14.96
N TRP B 156 -9.47 15.79 -14.29
CA TRP B 156 -8.66 15.82 -13.07
C TRP B 156 -9.29 16.72 -12.01
N ALA B 157 -10.62 16.72 -11.93
CA ALA B 157 -11.30 17.58 -10.97
C ALA B 157 -10.90 17.23 -9.54
N PHE B 158 -10.83 15.93 -9.22
CA PHE B 158 -10.46 15.54 -7.87
C PHE B 158 -9.06 15.99 -7.52
N GLY B 159 -8.10 15.81 -8.44
CA GLY B 159 -6.74 16.22 -8.15
C GLY B 159 -6.61 17.71 -7.93
N LYS B 160 -7.24 18.51 -8.80
CA LYS B 160 -7.17 19.96 -8.64
C LYS B 160 -7.83 20.39 -7.33
N PHE B 161 -8.99 19.82 -7.00
CA PHE B 161 -9.64 20.17 -5.74
C PHE B 161 -8.76 19.80 -4.55
N LEU B 162 -8.20 18.59 -4.55
CA LEU B 162 -7.39 18.15 -3.42
C LEU B 162 -6.17 19.05 -3.26
N TRP B 163 -5.49 19.37 -4.36
CA TRP B 163 -4.31 20.22 -4.26
C TRP B 163 -4.68 21.62 -3.81
N GLU B 164 -5.80 22.16 -4.32
CA GLU B 164 -6.23 23.47 -3.88
C GLU B 164 -6.50 23.49 -2.39
N TRP B 165 -7.19 22.48 -1.88
CA TRP B 165 -7.46 22.42 -0.44
C TRP B 165 -6.16 22.32 0.35
N ALA B 166 -5.23 21.45 -0.09
CA ALA B 166 -3.99 21.29 0.63
C ALA B 166 -3.18 22.58 0.66
N SER B 167 -3.04 23.23 -0.50
CA SER B 167 -2.28 24.48 -0.55
C SER B 167 -2.94 25.57 0.28
N ALA B 168 -4.28 25.65 0.23
CA ALA B 168 -4.97 26.68 0.98
C ALA B 168 -4.78 26.48 2.49
N ARG B 169 -4.83 25.24 2.96
CA ARG B 169 -4.75 25.01 4.40
C ARG B 169 -3.31 24.98 4.89
N PHE B 170 -2.51 24.04 4.41
CA PHE B 170 -1.20 23.80 5.00
C PHE B 170 -0.30 25.03 4.81
N SER B 171 -0.34 25.65 3.65
CA SER B 171 0.26 26.96 3.41
C SER B 171 1.78 26.91 3.30
N TRP B 172 2.39 25.74 3.52
CA TRP B 172 3.80 25.56 3.21
C TRP B 172 3.98 24.83 1.89
N LEU B 173 2.99 24.02 1.51
CA LEU B 173 3.00 23.45 0.17
C LEU B 173 2.95 24.54 -0.87
N SER B 174 2.46 25.73 -0.50
CA SER B 174 2.51 26.87 -1.40
C SER B 174 3.95 27.22 -1.75
N LEU B 175 4.85 27.16 -0.77
CA LEU B 175 6.27 27.41 -1.03
C LEU B 175 6.90 26.20 -1.71
N LEU B 176 6.48 25.00 -1.34
CA LEU B 176 7.08 23.79 -1.93
C LEU B 176 6.77 23.67 -3.42
N VAL B 177 5.54 24.04 -3.82
CA VAL B 177 5.11 23.78 -5.19
C VAL B 177 6.00 24.46 -6.22
N PRO B 178 6.40 25.73 -6.06
CA PRO B 178 7.29 26.34 -7.05
C PRO B 178 8.56 25.54 -7.28
N PHE B 179 9.16 25.00 -6.22
CA PHE B 179 10.40 24.24 -6.37
C PHE B 179 10.14 22.94 -7.14
N VAL B 180 9.08 22.23 -6.80
CA VAL B 180 8.78 20.97 -7.50
C VAL B 180 8.46 21.24 -8.96
N GLN B 181 7.71 22.31 -9.24
CA GLN B 181 7.40 22.67 -10.62
C GLN B 181 8.68 23.01 -11.38
N TRP B 182 9.57 23.78 -10.75
CA TRP B 182 10.87 24.08 -11.35
C TRP B 182 11.58 22.79 -11.73
N PHE B 183 11.67 21.85 -10.77
CA PHE B 183 12.40 20.61 -11.02
C PHE B 183 11.77 19.81 -12.15
N VAL B 184 10.45 19.64 -12.14
CA VAL B 184 9.82 18.79 -13.16
C VAL B 184 9.94 19.44 -14.53
N GLY B 185 9.61 20.73 -14.63
CA GLY B 185 9.68 21.40 -15.91
C GLY B 185 11.09 21.41 -16.47
N LEU B 186 12.08 21.53 -15.58
CA LEU B 186 13.48 21.54 -16.04
C LEU B 186 13.97 20.14 -16.35
N SER B 187 13.10 19.12 -16.24
CA SER B 187 13.55 17.75 -16.37
C SER B 187 12.69 16.94 -17.35
N PRO B 188 12.61 17.35 -18.62
CA PRO B 188 11.99 16.49 -19.63
C PRO B 188 12.69 15.15 -19.75
N THR B 189 14.02 15.18 -19.65
CA THR B 189 14.84 13.97 -19.62
C THR B 189 15.80 13.93 -18.45
N VAL B 190 16.02 15.06 -17.77
CA VAL B 190 16.90 15.07 -16.60
C VAL B 190 16.32 14.19 -15.51
N TRP B 191 15.00 14.02 -15.49
CA TRP B 191 14.37 13.16 -14.49
C TRP B 191 14.91 11.73 -14.58
N LEU B 192 15.08 11.22 -15.80
CA LEU B 192 15.63 9.89 -15.97
C LEU B 192 17.02 9.79 -15.37
N SER B 193 17.87 10.81 -15.64
CA SER B 193 19.24 10.77 -15.14
C SER B 193 19.29 10.84 -13.63
N VAL B 194 18.44 11.69 -13.03
CA VAL B 194 18.45 11.80 -11.58
C VAL B 194 17.89 10.53 -10.95
N ILE B 195 17.00 9.81 -11.63
CA ILE B 195 16.59 8.51 -11.11
C ILE B 195 17.78 7.56 -11.04
N TRP B 196 18.59 7.54 -12.10
CA TRP B 196 19.79 6.70 -12.11
C TRP B 196 20.74 7.10 -11.00
N MET B 197 20.95 8.40 -10.82
CA MET B 197 21.81 8.89 -9.75
C MET B 197 21.28 8.46 -8.38
N MET B 198 19.97 8.59 -8.18
CA MET B 198 19.37 8.23 -6.91
C MET B 198 19.56 6.75 -6.63
N TRP B 199 19.34 5.94 -7.67
CA TRP B 199 19.45 4.48 -7.63
C TRP B 199 20.86 4.05 -7.23
N TYR B 200 21.85 4.72 -7.82
CA TYR B 200 23.24 4.48 -7.44
C TYR B 200 23.69 5.32 -6.25
N TRP B 201 23.69 6.65 -6.39
CA TRP B 201 24.31 7.48 -5.36
C TRP B 201 23.40 7.74 -4.18
N GLY B 202 22.07 7.60 -4.35
CA GLY B 202 21.12 7.98 -3.33
C GLY B 202 21.36 7.36 -1.98
N PRO B 203 21.50 6.03 -1.89
CA PRO B 203 21.95 5.46 -0.61
C PRO B 203 23.31 5.94 -0.19
N SER B 204 24.23 6.17 -1.13
CA SER B 204 25.56 6.64 -0.78
C SER B 204 25.52 8.04 -0.20
N LEU B 205 24.85 8.96 -0.90
CA LEU B 205 24.72 10.32 -0.40
C LEU B 205 23.98 10.33 0.94
N TYR B 206 22.98 9.45 1.09
CA TYR B 206 22.32 9.32 2.37
C TYR B 206 23.28 8.88 3.47
N SER B 207 24.17 7.92 3.17
CA SER B 207 25.18 7.48 4.12
C SER B 207 26.15 8.58 4.50
N ILE B 208 26.57 9.41 3.54
CA ILE B 208 27.45 10.53 3.82
C ILE B 208 26.76 11.62 4.64
N LEU B 209 25.49 11.90 4.34
CA LEU B 209 24.78 12.93 5.10
C LEU B 209 24.37 12.44 6.48
N SER B 210 24.19 11.13 6.66
CA SER B 210 23.62 10.63 7.90
C SER B 210 24.45 10.97 9.13
N PRO B 211 25.77 10.83 9.13
CA PRO B 211 26.53 11.26 10.32
C PRO B 211 26.28 12.70 10.69
N PHE B 212 26.07 13.56 9.70
CA PHE B 212 25.70 14.95 9.98
C PHE B 212 24.20 15.11 10.05
N LEU B 213 23.46 14.01 9.88
CA LEU B 213 22.00 14.06 10.03
C LEU B 213 21.57 14.55 11.39
N PRO B 214 22.18 14.12 12.51
CA PRO B 214 21.70 14.61 13.81
C PRO B 214 22.29 15.96 14.20
N LEU B 215 23.47 16.31 13.69
CA LEU B 215 23.93 17.68 13.83
C LEU B 215 23.06 18.62 13.00
N LEU B 216 22.33 18.08 12.03
CA LEU B 216 21.43 18.92 11.24
C LEU B 216 20.34 19.55 12.09
N PRO B 217 19.61 18.81 12.92
CA PRO B 217 18.65 19.46 13.82
C PRO B 217 19.29 20.46 14.77
N ILE B 218 20.53 20.25 15.20
CA ILE B 218 21.14 21.17 16.16
C ILE B 218 21.28 22.56 15.55
N PHE B 219 21.89 22.66 14.36
CA PHE B 219 22.03 23.98 13.76
C PHE B 219 20.76 24.44 13.09
N PHE B 220 19.82 23.53 12.79
CA PHE B 220 18.49 23.97 12.40
C PHE B 220 17.81 24.70 13.56
N CYS B 221 17.97 24.17 14.77
CA CYS B 221 17.49 24.84 15.97
C CYS B 221 18.19 26.17 16.17
N LEU B 222 19.51 26.19 15.94
CA LEU B 222 20.24 27.45 16.03
C LEU B 222 19.69 28.48 15.04
N TRP B 223 19.40 28.05 13.81
CA TRP B 223 18.83 28.94 12.82
C TRP B 223 17.45 29.44 13.25
N VAL B 224 16.63 28.54 13.81
CA VAL B 224 15.31 28.93 14.28
C VAL B 224 15.42 29.96 15.39
N TYR B 225 16.40 29.82 16.29
CA TYR B 225 16.57 30.79 17.36
C TYR B 225 16.90 32.16 16.80
N ILE B 226 17.76 32.23 15.78
CA ILE B 226 18.08 33.49 15.15
C ILE B 226 16.96 33.83 14.16
ZN ZN C . 23.17 -6.95 5.63
ZN ZN D . 8.10 -23.09 5.19
#